data_4KS6
#
_entry.id   4KS6
#
_cell.length_a   65.634
_cell.length_b   65.634
_cell.length_c   201.725
_cell.angle_alpha   90.00
_cell.angle_beta   90.00
_cell.angle_gamma   90.00
#
_symmetry.space_group_name_H-M   'P 43 21 2'
#
loop_
_entity.id
_entity.type
_entity.pdbx_description
1 polymer 'Botulinum neurotoxin A light chain'
2 polymer 'Peptide inhibitor MPT-DPP-DAR-G-DPN-NH2'
3 non-polymer 'ZINC ION'
4 non-polymer 'SULFATE ION'
5 non-polymer GLYCEROL
6 non-polymer DI(HYDROXYETHYL)ETHER
7 non-polymer S-1,2-PROPANEDIOL
8 non-polymer 1,2-ETHANEDIOL
9 water water
#
loop_
_entity_poly.entity_id
_entity_poly.type
_entity_poly.pdbx_seq_one_letter_code
_entity_poly.pdbx_strand_id
1 'polypeptide(L)'
;MGSSHHHHHHSSGLVPRGSHMPFVNKQFNYKDPVNGVDIAYIKIPNAGQMQPVKAFKIHNKIWVIPERDTFTNPEEGDLN
PPPEAKQVPVSYYDSTYLSTDNEKDNYLKGVTKLFERIYSTDLGRMLLTSIVRGIPFWGGSTIDTELKVIDTNSINVIQP
DGSYRSEELNLVIIGPSADIIQFECKSFGHEVLNLTRNGYGSTQYIRFSPDFTFGFEESLEVDTNPLLGAGKFATDPAVT
LAHELIHAGHRLYGIAINPNRVFKVNTNAYYEMSGLEVSFEELRTFGGHDAKFIDSLQENEFRLYYYNKFKDIASTLNKA
KSIVGTTASLQYMKNVFKEKYLLSEDTSGKFSVDKLKFDKLYKMLTEIYTEDNFVKFFKVLNRKTYLNFDKAVFKINIVP
KVNYTIYDGFNLRNTNLAANFNGQNTEINNMNFTKLKNFTGLFEF
;
A
2 'polypeptide(L)' (MPT)(DPP)(DAR)G(DPN)(NH2) B
#
loop_
_chem_comp.id
_chem_comp.type
_chem_comp.name
_chem_comp.formula
EDO non-polymer 1,2-ETHANEDIOL 'C2 H6 O2'
GOL non-polymer GLYCEROL 'C3 H8 O3'
MPT non-polymer 'BETA-MERCAPTOPROPIONIC ACID' 'C3 H6 O2 S'
NH2 non-polymer 'AMINO GROUP' 'H2 N'
PEG non-polymer DI(HYDROXYETHYL)ETHER 'C4 H10 O3'
PGO non-polymer S-1,2-PROPANEDIOL 'C3 H8 O2'
SO4 non-polymer 'SULFATE ION' 'O4 S -2'
ZN non-polymer 'ZINC ION' 'Zn 2'
#
# COMPACT_ATOMS: atom_id res chain seq x y z
N GLY A 18 13.11 14.83 5.73
CA GLY A 18 12.19 13.69 6.22
C GLY A 18 12.91 12.62 7.02
N SER A 19 14.11 12.20 6.56
CA SER A 19 14.92 11.13 7.21
C SER A 19 16.37 11.53 7.46
N HIS A 20 16.74 11.62 8.74
CA HIS A 20 18.15 11.79 9.12
C HIS A 20 18.78 10.43 9.35
N MET A 21 18.22 9.69 10.31
CA MET A 21 18.51 8.26 10.38
C MET A 21 17.60 7.56 9.38
N PRO A 22 18.17 6.74 8.48
CA PRO A 22 17.38 6.01 7.49
C PRO A 22 16.20 5.22 8.08
N PHE A 23 15.18 5.01 7.26
CA PHE A 23 14.05 4.17 7.65
C PHE A 23 14.47 2.71 7.79
N VAL A 24 15.24 2.24 6.82
CA VAL A 24 15.78 0.86 6.85
C VAL A 24 17.23 0.95 7.24
N ASN A 25 17.49 0.64 8.49
CA ASN A 25 18.81 0.90 9.12
C ASN A 25 19.90 -0.10 8.75
N LYS A 26 19.56 -1.11 7.94
CA LYS A 26 20.44 -2.20 7.63
C LYS A 26 20.36 -2.52 6.14
N GLN A 27 21.52 -2.68 5.51
CA GLN A 27 21.59 -3.12 4.09
C GLN A 27 21.35 -4.65 4.00
N PHE A 28 20.21 -5.05 3.44
CA PHE A 28 19.91 -6.44 3.40
C PHE A 28 20.35 -7.12 2.08
N ASN A 29 21.03 -8.28 2.16
CA ASN A 29 21.22 -9.14 0.97
C ASN A 29 20.32 -10.36 1.10
N TYR A 30 19.68 -10.76 0.01
CA TYR A 30 18.79 -11.91 0.04
C TYR A 30 19.44 -13.17 0.59
N LYS A 31 20.74 -13.36 0.28
CA LYS A 31 21.46 -14.53 0.72
C LYS A 31 22.05 -14.43 2.13
N ASP A 32 21.87 -13.31 2.86
CA ASP A 32 22.28 -13.24 4.28
C ASP A 32 21.59 -14.38 4.99
N PRO A 33 22.33 -15.08 5.87
CA PRO A 33 21.80 -16.21 6.61
C PRO A 33 20.71 -15.84 7.65
N VAL A 34 19.69 -16.69 7.73
CA VAL A 34 18.59 -16.49 8.64
C VAL A 34 19.12 -16.41 10.07
N ASN A 35 18.54 -15.51 10.87
CA ASN A 35 18.94 -15.35 12.26
C ASN A 35 17.75 -15.57 13.19
N GLY A 36 16.57 -15.84 12.62
CA GLY A 36 15.35 -16.00 13.45
C GLY A 36 14.80 -14.69 14.10
N VAL A 37 15.34 -13.53 13.72
CA VAL A 37 14.86 -12.27 14.21
C VAL A 37 14.32 -11.32 13.14
N ASP A 38 15.23 -10.72 12.36
CA ASP A 38 14.81 -9.91 11.26
C ASP A 38 15.06 -10.55 9.88
N ILE A 39 15.72 -11.70 9.86
CA ILE A 39 15.80 -12.52 8.64
C ILE A 39 15.37 -13.89 9.01
N ALA A 40 14.20 -14.32 8.58
CA ALA A 40 13.63 -15.50 9.16
C ALA A 40 12.68 -16.20 8.22
N TYR A 41 12.48 -17.49 8.43
CA TYR A 41 11.45 -18.23 7.76
C TYR A 41 10.16 -18.05 8.48
N ILE A 42 9.11 -17.68 7.75
CA ILE A 42 7.84 -17.34 8.40
C ILE A 42 6.73 -18.10 7.73
N LYS A 43 5.59 -18.13 8.41
CA LYS A 43 4.34 -18.57 7.80
C LYS A 43 3.29 -17.49 8.13
N ILE A 44 2.38 -17.25 7.19
CA ILE A 44 1.27 -16.36 7.43
C ILE A 44 0.04 -17.17 7.91
N PRO A 45 -0.67 -16.66 8.92
CA PRO A 45 -1.87 -17.27 9.51
C PRO A 45 -2.85 -17.71 8.45
N ASN A 46 -3.54 -18.82 8.72
CA ASN A 46 -4.61 -19.33 7.84
C ASN A 46 -4.12 -19.72 6.44
N ALA A 47 -2.80 -19.77 6.29
CA ALA A 47 -2.16 -20.40 5.16
C ALA A 47 -1.19 -21.44 5.75
N GLY A 48 -1.74 -22.23 6.69
CA GLY A 48 -0.98 -23.29 7.32
C GLY A 48 -0.61 -24.31 6.25
N GLN A 49 0.48 -25.03 6.53
CA GLN A 49 0.93 -26.07 5.60
C GLN A 49 1.61 -25.49 4.35
N MET A 50 1.58 -24.16 4.18
CA MET A 50 2.48 -23.52 3.25
C MET A 50 3.85 -23.86 3.78
N GLN A 51 4.80 -24.09 2.88
CA GLN A 51 6.19 -24.15 3.27
C GLN A 51 6.59 -22.76 3.75
N PRO A 52 7.38 -22.67 4.83
CA PRO A 52 7.86 -21.35 5.33
C PRO A 52 8.54 -20.57 4.22
N VAL A 53 8.49 -19.25 4.27
CA VAL A 53 9.14 -18.41 3.22
C VAL A 53 10.15 -17.49 3.90
N LYS A 54 11.28 -17.28 3.25
CA LYS A 54 12.30 -16.37 3.79
C LYS A 54 11.84 -14.90 3.73
N ALA A 55 11.76 -14.26 4.89
CA ALA A 55 11.25 -12.89 5.04
C ALA A 55 12.25 -12.00 5.75
N PHE A 56 12.13 -10.69 5.52
CA PHE A 56 13.07 -9.67 5.97
C PHE A 56 12.37 -8.51 6.68
N LYS A 57 12.73 -8.30 7.97
CA LYS A 57 12.11 -7.24 8.72
C LYS A 57 12.87 -5.94 8.54
N ILE A 58 12.27 -5.01 7.79
CA ILE A 58 12.95 -3.77 7.40
CA ILE A 58 13.02 -3.78 7.41
C ILE A 58 12.84 -2.66 8.43
N HIS A 59 11.80 -2.74 9.27
CA HIS A 59 11.55 -1.69 10.22
C HIS A 59 10.58 -2.33 11.24
N ASN A 60 10.52 -1.78 12.44
CA ASN A 60 9.48 -2.18 13.39
C ASN A 60 8.12 -2.28 12.71
N LYS A 61 7.46 -3.41 12.87
CA LYS A 61 6.09 -3.62 12.31
C LYS A 61 6.02 -3.83 10.78
N ILE A 62 7.17 -3.87 10.10
CA ILE A 62 7.15 -3.92 8.66
C ILE A 62 8.05 -4.96 8.06
N TRP A 63 7.47 -5.93 7.35
CA TRP A 63 8.21 -7.04 6.75
C TRP A 63 8.09 -7.06 5.21
N VAL A 64 9.12 -7.59 4.58
CA VAL A 64 9.15 -7.79 3.15
C VAL A 64 9.40 -9.25 2.82
N ILE A 65 8.56 -9.78 1.95
CA ILE A 65 8.68 -11.12 1.52
C ILE A 65 8.95 -11.11 0.02
N PRO A 66 10.21 -11.35 -0.37
CA PRO A 66 10.62 -11.31 -1.78
C PRO A 66 10.22 -12.57 -2.59
N GLU A 67 8.93 -12.94 -2.58
CA GLU A 67 8.40 -14.08 -3.31
C GLU A 67 7.12 -13.61 -4.02
N ARG A 68 6.78 -14.26 -5.12
CA ARG A 68 5.46 -14.09 -5.71
C ARG A 68 4.39 -14.51 -4.72
N ASP A 69 3.27 -13.80 -4.69
CA ASP A 69 2.27 -14.07 -3.68
C ASP A 69 1.38 -15.26 -4.10
N THR A 70 1.80 -16.46 -3.71
CA THR A 70 0.92 -17.61 -3.88
C THR A 70 0.26 -18.04 -2.59
N PHE A 71 0.25 -17.18 -1.58
CA PHE A 71 -0.15 -17.59 -0.21
C PHE A 71 -1.39 -16.90 0.31
N THR A 72 -1.44 -15.57 0.20
CA THR A 72 -2.51 -14.80 0.84
C THR A 72 -3.89 -15.23 0.32
N ASN A 73 -3.97 -15.54 -0.96
CA ASN A 73 -5.21 -15.93 -1.61
C ASN A 73 -4.98 -17.24 -2.35
N PRO A 74 -5.10 -18.40 -1.62
CA PRO A 74 -4.90 -19.75 -2.19
C PRO A 74 -5.85 -20.11 -3.36
N GLU A 75 -6.65 -19.08 -3.79
CA GLU A 75 -7.30 -19.21 -5.12
C GLU A 75 -6.34 -18.78 -6.25
N GLU A 76 -5.41 -17.90 -5.88
CA GLU A 76 -4.40 -17.41 -6.81
C GLU A 76 -3.01 -18.08 -6.61
N GLY A 77 -2.97 -19.42 -6.53
CA GLY A 77 -1.69 -20.15 -6.34
C GLY A 77 -0.86 -20.54 -7.58
N ASP A 78 -1.35 -20.23 -8.77
CA ASP A 78 -0.68 -20.67 -9.98
C ASP A 78 -0.19 -19.46 -10.83
N LEU A 79 1.10 -19.44 -11.17
CA LEU A 79 1.70 -18.27 -11.82
C LEU A 79 1.61 -18.27 -13.35
N ASN A 80 1.26 -19.43 -13.93
CA ASN A 80 1.28 -19.66 -15.39
C ASN A 80 0.24 -18.86 -16.16
N PRO A 81 0.65 -18.34 -17.34
CA PRO A 81 -0.30 -17.53 -18.08
C PRO A 81 -1.60 -18.28 -18.44
N PRO A 82 -2.77 -17.65 -18.21
CA PRO A 82 -3.98 -18.37 -18.60
C PRO A 82 -4.16 -18.44 -20.13
N PRO A 83 -5.28 -19.02 -20.61
CA PRO A 83 -5.47 -19.02 -22.06
C PRO A 83 -5.35 -17.63 -22.72
N GLU A 84 -4.66 -17.54 -23.85
CA GLU A 84 -4.55 -16.26 -24.57
C GLU A 84 -5.91 -15.53 -24.70
N ALA A 85 -6.93 -16.25 -25.14
CA ALA A 85 -8.25 -15.66 -25.34
C ALA A 85 -8.99 -15.44 -24.04
N LYS A 86 -8.33 -15.69 -22.90
CA LYS A 86 -8.89 -15.39 -21.55
C LYS A 86 -8.31 -14.09 -20.94
N GLN A 87 -7.08 -13.77 -21.33
CA GLN A 87 -6.34 -12.64 -20.79
C GLN A 87 -6.98 -11.28 -21.16
N VAL A 88 -7.15 -10.37 -20.19
CA VAL A 88 -7.62 -9.03 -20.48
C VAL A 88 -6.46 -8.15 -21.05
N PRO A 89 -6.77 -7.01 -21.72
CA PRO A 89 -5.72 -6.16 -22.28
C PRO A 89 -4.72 -5.64 -21.25
N VAL A 90 -5.20 -5.06 -20.15
CA VAL A 90 -4.28 -4.59 -19.07
C VAL A 90 -4.06 -5.76 -18.10
N SER A 91 -3.14 -6.64 -18.48
CA SER A 91 -2.68 -7.76 -17.66
C SER A 91 -1.32 -8.09 -18.20
N TYR A 92 -0.48 -8.67 -17.35
CA TYR A 92 0.81 -9.07 -17.82
C TYR A 92 1.30 -10.32 -17.02
N TYR A 93 1.64 -11.39 -17.73
CA TYR A 93 2.08 -12.63 -17.09
C TYR A 93 3.52 -12.93 -17.38
N ASP A 94 4.24 -13.34 -16.34
CA ASP A 94 5.61 -13.86 -16.45
C ASP A 94 5.83 -14.74 -15.24
N SER A 95 5.67 -16.06 -15.41
CA SER A 95 5.72 -16.99 -14.30
C SER A 95 7.14 -17.17 -13.72
N THR A 96 8.17 -16.72 -14.45
CA THR A 96 9.52 -16.84 -13.97
C THR A 96 9.97 -15.63 -13.17
N TYR A 97 9.22 -14.55 -13.20
CA TYR A 97 9.62 -13.33 -12.52
C TYR A 97 9.73 -13.58 -11.01
N LEU A 98 10.86 -13.14 -10.43
CA LEU A 98 11.08 -13.25 -8.99
C LEU A 98 11.22 -14.72 -8.54
N SER A 99 11.80 -15.52 -9.42
CA SER A 99 12.03 -16.95 -9.14
C SER A 99 13.47 -17.30 -8.75
N THR A 100 14.40 -16.37 -8.91
CA THR A 100 15.80 -16.64 -8.63
C THR A 100 16.37 -15.75 -7.50
N ASP A 101 17.42 -16.21 -6.85
CA ASP A 101 17.99 -15.47 -5.72
C ASP A 101 18.42 -14.08 -6.12
N ASN A 102 18.96 -13.96 -7.32
CA ASN A 102 19.42 -12.63 -7.78
C ASN A 102 18.26 -11.66 -7.97
N GLU A 103 17.15 -12.19 -8.47
CA GLU A 103 15.97 -11.37 -8.61
C GLU A 103 15.49 -10.93 -7.26
N LYS A 104 15.46 -11.87 -6.31
CA LYS A 104 14.97 -11.60 -4.96
C LYS A 104 15.87 -10.56 -4.24
N ASP A 105 17.17 -10.64 -4.47
CA ASP A 105 18.09 -9.66 -3.91
C ASP A 105 17.76 -8.26 -4.47
N ASN A 106 17.63 -8.17 -5.79
CA ASN A 106 17.25 -6.93 -6.47
C ASN A 106 15.87 -6.37 -6.04
N TYR A 107 14.89 -7.26 -5.85
CA TYR A 107 13.59 -6.86 -5.26
C TYR A 107 13.74 -6.16 -3.87
N LEU A 108 14.49 -6.79 -2.97
N LEU A 108 14.49 -6.80 -2.97
CA LEU A 108 14.65 -6.31 -1.61
CA LEU A 108 14.66 -6.31 -1.60
C LEU A 108 15.33 -4.96 -1.60
C LEU A 108 15.30 -4.94 -1.61
N LYS A 109 16.34 -4.79 -2.42
CA LYS A 109 17.06 -3.54 -2.47
C LYS A 109 16.18 -2.46 -3.13
N GLY A 110 15.35 -2.86 -4.10
CA GLY A 110 14.46 -1.94 -4.80
C GLY A 110 13.39 -1.44 -3.83
N VAL A 111 12.71 -2.35 -3.14
CA VAL A 111 11.69 -1.97 -2.17
C VAL A 111 12.26 -1.08 -1.08
N THR A 112 13.42 -1.45 -0.60
CA THR A 112 14.11 -0.74 0.44
C THR A 112 14.39 0.69 0.00
N LYS A 113 14.92 0.84 -1.21
CA LYS A 113 15.25 2.18 -1.70
C LYS A 113 13.97 3.03 -1.84
N LEU A 114 12.83 2.41 -2.17
CA LEU A 114 11.58 3.18 -2.28
C LEU A 114 11.09 3.67 -0.91
N PHE A 115 11.14 2.81 0.12
CA PHE A 115 10.84 3.25 1.47
C PHE A 115 11.69 4.43 1.89
N GLU A 116 12.99 4.33 1.63
CA GLU A 116 13.84 5.48 1.92
C GLU A 116 13.46 6.74 1.18
N ARG A 117 13.07 6.62 -0.11
CA ARG A 117 12.69 7.78 -0.93
C ARG A 117 11.43 8.42 -0.32
N ILE A 118 10.49 7.56 0.06
CA ILE A 118 9.28 8.05 0.72
C ILE A 118 9.64 8.72 2.08
N TYR A 119 10.47 8.10 2.89
CA TYR A 119 10.77 8.58 4.24
C TYR A 119 11.56 9.89 4.17
N SER A 120 12.29 10.09 3.07
CA SER A 120 13.07 11.34 2.93
C SER A 120 12.19 12.57 2.70
N THR A 121 10.87 12.38 2.49
CA THR A 121 9.99 13.55 2.39
C THR A 121 9.24 13.76 3.70
N ASP A 122 8.78 14.99 3.94
CA ASP A 122 8.03 15.28 5.21
C ASP A 122 6.75 14.48 5.18
N LEU A 123 6.14 14.43 4.00
CA LEU A 123 4.83 13.71 3.88
C LEU A 123 5.04 12.20 4.14
N GLY A 124 6.11 11.66 3.55
CA GLY A 124 6.41 10.23 3.73
C GLY A 124 6.75 9.87 5.15
N ARG A 125 7.51 10.73 5.81
CA ARG A 125 7.82 10.60 7.19
C ARG A 125 6.53 10.54 8.02
N MET A 126 5.61 11.41 7.72
CA MET A 126 4.35 11.47 8.46
C MET A 126 3.54 10.16 8.24
N LEU A 127 3.35 9.77 7.00
CA LEU A 127 2.59 8.57 6.63
C LEU A 127 3.27 7.29 7.17
N LEU A 128 4.59 7.16 7.06
CA LEU A 128 5.27 6.01 7.67
C LEU A 128 5.09 5.93 9.18
N THR A 129 5.15 7.08 9.84
CA THR A 129 4.92 7.14 11.27
C THR A 129 3.51 6.74 11.67
N SER A 130 2.52 7.19 10.93
CA SER A 130 1.12 6.82 11.22
C SER A 130 0.95 5.35 11.06
N ILE A 131 1.65 4.78 10.07
CA ILE A 131 1.55 3.35 9.76
C ILE A 131 2.17 2.46 10.85
N VAL A 132 3.34 2.86 11.35
CA VAL A 132 3.98 2.12 12.42
C VAL A 132 3.16 2.22 13.69
N ARG A 133 2.57 3.39 13.92
CA ARG A 133 1.70 3.64 15.07
C ARG A 133 0.34 2.94 14.96
N GLY A 134 -0.02 2.53 13.74
CA GLY A 134 -1.37 2.00 13.49
C GLY A 134 -1.56 0.51 13.85
N ILE A 135 -1.05 0.09 15.00
CA ILE A 135 -1.22 -1.28 15.49
C ILE A 135 -2.73 -1.71 15.45
N PRO A 136 -3.05 -2.77 14.68
CA PRO A 136 -4.43 -3.33 14.69
C PRO A 136 -4.94 -3.55 16.14
N PHE A 137 -6.19 -3.26 16.33
CA PHE A 137 -6.72 -3.18 17.66
C PHE A 137 -6.83 -4.61 18.28
N TRP A 138 -6.57 -4.73 19.56
CA TRP A 138 -6.74 -6.01 20.29
C TRP A 138 -8.20 -6.26 20.64
N GLY A 139 -8.99 -6.63 19.66
CA GLY A 139 -10.42 -6.86 19.90
C GLY A 139 -10.80 -8.32 19.72
N GLY A 140 -9.88 -9.22 20.05
CA GLY A 140 -10.02 -10.64 19.67
C GLY A 140 -10.97 -11.42 20.57
N SER A 141 -11.33 -10.82 21.69
CA SER A 141 -12.01 -11.59 22.71
C SER A 141 -13.50 -11.75 22.50
N THR A 142 -13.99 -12.93 22.89
CA THR A 142 -15.41 -13.17 22.91
C THR A 142 -15.94 -12.48 24.15
N ILE A 143 -15.07 -12.36 25.14
CA ILE A 143 -15.43 -11.75 26.42
C ILE A 143 -15.25 -10.27 26.23
N ASP A 144 -16.32 -9.51 26.47
CA ASP A 144 -16.34 -8.07 26.18
C ASP A 144 -15.41 -7.17 27.03
N THR A 145 -15.02 -7.67 28.21
CA THR A 145 -14.08 -6.97 29.09
C THR A 145 -12.64 -7.58 29.10
N GLU A 146 -12.38 -8.48 28.15
CA GLU A 146 -11.05 -9.06 27.93
C GLU A 146 -10.39 -8.48 26.70
N LEU A 147 -9.21 -7.87 26.87
CA LEU A 147 -8.39 -7.46 25.69
C LEU A 147 -7.56 -8.62 25.12
N LYS A 148 -7.82 -8.95 23.85
CA LYS A 148 -7.10 -10.03 23.21
C LYS A 148 -6.75 -9.68 21.79
N VAL A 149 -5.51 -9.96 21.42
CA VAL A 149 -5.04 -9.85 20.02
C VAL A 149 -5.89 -10.69 19.04
N ILE A 150 -5.97 -10.23 17.80
CA ILE A 150 -6.62 -10.98 16.77
C ILE A 150 -5.52 -11.69 15.99
N ASP A 151 -5.65 -13.03 15.89
CA ASP A 151 -4.57 -13.93 15.42
C ASP A 151 -4.12 -13.62 14.04
N THR A 152 -5.07 -13.22 13.19
CA THR A 152 -4.73 -12.87 11.82
C THR A 152 -3.83 -11.62 11.71
N ASN A 153 -3.51 -10.97 12.85
CA ASN A 153 -2.70 -9.74 12.83
C ASN A 153 -1.27 -10.01 13.21
N SER A 154 -0.83 -11.23 12.95
CA SER A 154 0.54 -11.62 13.27
C SER A 154 1.09 -12.51 12.20
N ILE A 155 2.38 -12.80 12.27
CA ILE A 155 2.93 -13.90 11.49
C ILE A 155 3.65 -14.83 12.48
N ASN A 156 3.91 -16.05 12.01
CA ASN A 156 4.63 -17.04 12.85
C ASN A 156 6.07 -17.17 12.37
N VAL A 157 7.01 -16.83 13.25
CA VAL A 157 8.41 -16.71 12.87
C VAL A 157 9.16 -17.93 13.48
N ILE A 158 10.00 -18.60 12.67
CA ILE A 158 10.80 -19.75 13.11
C ILE A 158 12.01 -19.19 13.85
N GLN A 159 12.18 -19.69 15.06
CA GLN A 159 13.25 -19.24 15.94
CA GLN A 159 13.26 -19.22 15.92
C GLN A 159 14.51 -20.05 15.68
N PRO A 160 15.66 -19.64 16.27
CA PRO A 160 16.86 -20.45 16.05
C PRO A 160 16.79 -21.90 16.52
N ASP A 161 15.94 -22.18 17.51
CA ASP A 161 15.80 -23.52 17.98
C ASP A 161 14.82 -24.31 17.16
N GLY A 162 14.30 -23.70 16.09
CA GLY A 162 13.25 -24.32 15.26
C GLY A 162 11.83 -24.30 15.82
N SER A 163 11.58 -23.69 16.97
CA SER A 163 10.16 -23.48 17.36
C SER A 163 9.60 -22.13 16.80
N TYR A 164 8.29 -22.04 16.71
CA TYR A 164 7.56 -20.82 16.28
C TYR A 164 7.24 -19.84 17.38
N ARG A 165 7.40 -18.56 17.07
CA ARG A 165 6.80 -17.52 17.91
C ARG A 165 5.85 -16.64 17.08
N SER A 166 4.81 -16.14 17.74
CA SER A 166 3.86 -15.24 17.14
C SER A 166 4.40 -13.82 17.21
N GLU A 167 4.47 -13.11 16.09
CA GLU A 167 4.87 -11.72 16.10
C GLU A 167 3.80 -10.79 15.45
N GLU A 168 3.29 -9.83 16.22
CA GLU A 168 2.41 -8.80 15.65
C GLU A 168 3.15 -7.95 14.63
N LEU A 169 2.46 -7.57 13.57
CA LEU A 169 3.00 -6.59 12.57
C LEU A 169 1.89 -5.80 11.92
N ASN A 170 2.26 -4.71 11.26
CA ASN A 170 1.26 -3.80 10.65
C ASN A 170 1.23 -3.94 9.14
N LEU A 171 2.38 -4.29 8.56
CA LEU A 171 2.54 -4.22 7.10
C LEU A 171 3.50 -5.27 6.50
N VAL A 172 3.06 -5.96 5.44
CA VAL A 172 3.91 -6.85 4.64
C VAL A 172 3.93 -6.46 3.17
N ILE A 173 5.11 -6.24 2.63
CA ILE A 173 5.25 -6.08 1.20
C ILE A 173 5.61 -7.44 0.61
N ILE A 174 4.77 -7.90 -0.31
CA ILE A 174 5.06 -9.12 -1.07
C ILE A 174 5.01 -8.92 -2.58
N GLY A 175 5.53 -9.92 -3.30
CA GLY A 175 5.51 -9.92 -4.75
C GLY A 175 4.13 -10.07 -5.38
N PRO A 176 4.06 -9.82 -6.74
CA PRO A 176 2.76 -10.03 -7.34
C PRO A 176 2.33 -11.47 -7.42
N SER A 177 1.03 -11.66 -7.59
CA SER A 177 0.51 -12.95 -7.98
C SER A 177 0.72 -13.22 -9.48
N ALA A 178 -0.13 -14.05 -10.10
CA ALA A 178 0.09 -14.37 -11.52
C ALA A 178 0.10 -13.15 -12.39
N ASP A 179 -0.89 -12.26 -12.22
CA ASP A 179 -0.98 -11.04 -13.00
C ASP A 179 -0.14 -9.96 -12.31
N ILE A 180 1.02 -9.70 -12.87
CA ILE A 180 2.00 -8.80 -12.32
C ILE A 180 1.49 -7.34 -12.29
N ILE A 181 0.52 -7.00 -13.15
CA ILE A 181 -0.01 -5.62 -13.19
C ILE A 181 -1.48 -5.60 -12.85
N GLN A 182 -1.91 -6.61 -12.12
CA GLN A 182 -3.28 -6.62 -11.60
C GLN A 182 -3.67 -5.21 -11.09
N PHE A 183 -4.78 -4.67 -11.61
CA PHE A 183 -5.14 -3.24 -11.38
C PHE A 183 -6.29 -3.09 -10.37
N GLU A 184 -6.82 -4.21 -9.90
CA GLU A 184 -7.84 -4.21 -8.86
C GLU A 184 -7.90 -5.63 -8.30
N CYS A 185 -8.40 -5.78 -7.07
CA CYS A 185 -8.61 -7.09 -6.46
C CYS A 185 -9.64 -7.89 -7.27
N LYS A 186 -9.39 -9.19 -7.40
CA LYS A 186 -10.24 -10.06 -8.24
C LYS A 186 -11.32 -10.82 -7.46
N SER A 187 -11.22 -10.82 -6.13
CA SER A 187 -12.26 -11.42 -5.27
C SER A 187 -12.46 -10.66 -3.96
N PHE A 188 -11.34 -10.47 -3.21
CA PHE A 188 -11.40 -10.06 -1.80
C PHE A 188 -10.10 -9.41 -1.30
N GLY A 189 -10.20 -8.67 -0.18
CA GLY A 189 -9.06 -8.47 0.72
C GLY A 189 -9.20 -9.63 1.71
N HIS A 190 -8.65 -9.50 2.92
CA HIS A 190 -8.95 -10.46 4.02
C HIS A 190 -10.47 -10.51 4.22
N GLU A 191 -11.03 -11.67 4.56
CA GLU A 191 -12.53 -11.85 4.67
C GLU A 191 -13.22 -10.93 5.68
N VAL A 192 -12.60 -10.82 6.85
CA VAL A 192 -12.95 -9.83 7.86
C VAL A 192 -12.28 -8.55 7.40
N LEU A 193 -12.57 -8.17 6.14
CA LEU A 193 -12.22 -6.85 5.63
C LEU A 193 -13.03 -5.85 6.45
N ASN A 194 -14.02 -6.38 7.21
CA ASN A 194 -14.74 -5.57 8.17
C ASN A 194 -13.82 -4.85 9.17
N LEU A 195 -12.71 -5.51 9.53
CA LEU A 195 -11.69 -4.92 10.41
C LEU A 195 -11.09 -3.67 9.78
N THR A 196 -11.12 -3.60 8.46
CA THR A 196 -10.64 -2.40 7.75
C THR A 196 -11.65 -1.26 7.76
N ARG A 197 -12.86 -1.52 8.25
CA ARG A 197 -13.95 -0.56 8.18
C ARG A 197 -14.65 -0.30 9.53
N ASN A 198 -14.13 -0.85 10.64
CA ASN A 198 -14.80 -0.70 11.91
C ASN A 198 -13.97 0.01 12.99
N GLY A 199 -12.89 0.65 12.59
CA GLY A 199 -12.00 1.29 13.51
C GLY A 199 -10.86 0.43 13.98
N TYR A 200 -11.00 -0.90 13.88
CA TYR A 200 -10.01 -1.76 14.50
C TYR A 200 -8.71 -1.76 13.69
N GLY A 201 -8.82 -1.87 12.38
CA GLY A 201 -7.59 -2.03 11.55
C GLY A 201 -7.11 -3.49 11.55
N SER A 202 -6.42 -3.91 10.49
CA SER A 202 -5.79 -5.22 10.47
C SER A 202 -4.48 -5.16 9.73
N THR A 203 -3.65 -6.18 9.93
CA THR A 203 -2.34 -6.25 9.26
C THR A 203 -2.54 -6.27 7.74
N GLN A 204 -1.74 -5.47 7.01
CA GLN A 204 -1.94 -5.26 5.61
C GLN A 204 -0.91 -5.89 4.72
N TYR A 205 -1.38 -6.57 3.69
CA TYR A 205 -0.50 -7.24 2.70
C TYR A 205 -0.58 -6.50 1.40
N ILE A 206 0.56 -5.98 0.95
CA ILE A 206 0.59 -5.23 -0.28
C ILE A 206 1.41 -5.94 -1.34
N ARG A 207 0.74 -6.39 -2.42
CA ARG A 207 1.44 -6.88 -3.65
C ARG A 207 2.06 -5.69 -4.39
N PHE A 208 3.34 -5.80 -4.72
CA PHE A 208 4.03 -4.68 -5.32
C PHE A 208 5.38 -5.20 -5.89
N SER A 209 5.84 -4.52 -6.96
CA SER A 209 7.12 -4.81 -7.56
C SER A 209 7.82 -3.50 -7.91
N PRO A 210 9.07 -3.33 -7.50
CA PRO A 210 9.85 -2.15 -7.91
C PRO A 210 10.50 -2.35 -9.27
N ASP A 211 10.12 -3.40 -9.98
CA ASP A 211 10.78 -3.81 -11.25
C ASP A 211 10.00 -3.49 -12.54
N PHE A 212 8.80 -2.98 -12.37
CA PHE A 212 7.89 -2.60 -13.44
C PHE A 212 7.28 -1.24 -13.15
N THR A 213 7.00 -0.49 -14.19
CA THR A 213 6.18 0.71 -14.02
C THR A 213 5.37 1.00 -15.26
N PHE A 214 4.47 1.98 -15.12
CA PHE A 214 3.53 2.28 -16.21
C PHE A 214 3.88 3.56 -16.89
N GLY A 215 3.74 3.56 -18.21
CA GLY A 215 3.79 4.82 -18.99
C GLY A 215 2.45 5.52 -19.04
N PHE A 216 2.48 6.85 -19.00
CA PHE A 216 1.26 7.70 -19.06
C PHE A 216 1.57 8.84 -20.02
N GLU A 217 0.59 9.68 -20.27
CA GLU A 217 0.76 10.79 -21.21
C GLU A 217 0.70 12.13 -20.50
N GLU A 218 1.59 13.03 -20.89
CA GLU A 218 1.72 14.32 -20.22
C GLU A 218 0.50 15.28 -20.47
N SER A 219 -0.25 15.07 -21.56
N SER A 219 -0.26 15.05 -21.55
CA SER A 219 -1.43 15.88 -21.88
CA SER A 219 -1.44 15.86 -21.89
C SER A 219 -2.69 15.23 -21.32
C SER A 219 -2.71 15.23 -21.35
N LEU A 220 -3.44 15.99 -20.56
CA LEU A 220 -4.69 15.48 -19.93
C LEU A 220 -5.65 14.88 -20.95
N GLU A 221 -5.92 15.63 -22.03
N GLU A 221 -5.93 15.61 -22.03
CA GLU A 221 -6.80 15.13 -23.12
CA GLU A 221 -6.83 15.08 -23.07
C GLU A 221 -6.34 13.81 -23.75
C GLU A 221 -6.34 13.81 -23.79
N VAL A 222 -5.03 13.58 -23.81
CA VAL A 222 -4.49 12.34 -24.33
C VAL A 222 -4.54 11.23 -23.27
N ASP A 223 -4.09 11.56 -22.04
CA ASP A 223 -4.01 10.57 -20.95
C ASP A 223 -5.37 9.96 -20.57
N THR A 224 -6.41 10.75 -20.71
CA THR A 224 -7.80 10.29 -20.36
C THR A 224 -8.59 9.72 -21.58
N ASN A 225 -7.90 9.55 -22.70
CA ASN A 225 -8.49 8.92 -23.89
C ASN A 225 -7.97 7.53 -24.08
N PRO A 226 -8.87 6.52 -24.22
CA PRO A 226 -8.39 5.14 -24.38
C PRO A 226 -7.76 4.80 -25.74
N LEU A 227 -7.74 5.72 -26.71
CA LEU A 227 -7.24 5.39 -28.09
C LEU A 227 -5.98 6.14 -28.46
N LEU A 228 -5.49 6.97 -27.55
CA LEU A 228 -4.34 7.85 -27.86
C LEU A 228 -3.21 7.65 -26.86
N GLY A 229 -1.98 7.84 -27.32
CA GLY A 229 -0.83 7.76 -26.41
C GLY A 229 -0.14 6.42 -26.40
N ALA A 230 1.20 6.43 -26.46
CA ALA A 230 1.96 5.16 -26.30
C ALA A 230 2.58 5.00 -24.90
N GLY A 231 2.46 6.06 -24.07
CA GLY A 231 3.04 6.07 -22.70
C GLY A 231 4.44 6.65 -22.63
N LYS A 232 4.55 7.91 -23.00
CA LYS A 232 5.87 8.56 -23.13
C LYS A 232 6.59 8.73 -21.78
N PHE A 233 5.83 9.00 -20.74
CA PHE A 233 6.45 9.27 -19.44
C PHE A 233 6.21 8.10 -18.47
N ALA A 234 7.23 7.72 -17.76
CA ALA A 234 7.08 6.63 -16.78
C ALA A 234 6.68 7.11 -15.39
N THR A 235 5.67 6.45 -14.79
CA THR A 235 5.34 6.71 -13.39
C THR A 235 6.53 6.34 -12.48
N ASP A 236 6.85 7.22 -11.52
CA ASP A 236 7.87 6.93 -10.55
C ASP A 236 7.28 5.87 -9.62
N PRO A 237 7.93 4.69 -9.51
CA PRO A 237 7.44 3.64 -8.60
C PRO A 237 7.29 4.08 -7.11
N ALA A 238 8.00 5.13 -6.66
CA ALA A 238 7.77 5.60 -5.28
C ALA A 238 6.35 6.09 -5.08
N VAL A 239 5.79 6.74 -6.12
CA VAL A 239 4.40 7.22 -6.07
C VAL A 239 3.45 6.01 -5.96
N THR A 240 3.72 5.00 -6.78
CA THR A 240 2.87 3.77 -6.79
C THR A 240 2.91 3.06 -5.44
N LEU A 241 4.10 2.89 -4.88
CA LEU A 241 4.22 2.38 -3.54
C LEU A 241 3.52 3.30 -2.49
N ALA A 242 3.74 4.63 -2.58
CA ALA A 242 3.05 5.57 -1.68
C ALA A 242 1.52 5.45 -1.78
N HIS A 243 1.02 5.27 -2.97
CA HIS A 243 -0.43 5.02 -3.19
C HIS A 243 -0.92 3.83 -2.32
N GLU A 244 -0.26 2.71 -2.40
CA GLU A 244 -0.64 1.48 -1.60
C GLU A 244 -0.45 1.69 -0.09
N LEU A 245 0.56 2.46 0.29
CA LEU A 245 0.75 2.81 1.70
C LEU A 245 -0.42 3.64 2.23
N ILE A 246 -0.93 4.57 1.43
CA ILE A 246 -2.08 5.38 1.80
C ILE A 246 -3.31 4.45 2.06
N HIS A 247 -3.56 3.51 1.17
CA HIS A 247 -4.60 2.48 1.43
C HIS A 247 -4.36 1.74 2.72
N ALA A 248 -3.11 1.31 2.95
CA ALA A 248 -2.76 0.64 4.16
C ALA A 248 -2.99 1.51 5.41
N GLY A 249 -2.68 2.82 5.30
CA GLY A 249 -3.02 3.78 6.32
C GLY A 249 -4.53 3.80 6.68
N HIS A 250 -5.38 3.84 5.67
CA HIS A 250 -6.86 3.89 5.96
C HIS A 250 -7.21 2.59 6.66
N ARG A 251 -6.63 1.51 6.15
CA ARG A 251 -7.00 0.13 6.56
C ARG A 251 -6.48 -0.27 7.92
N LEU A 252 -5.30 0.24 8.32
CA LEU A 252 -4.82 0.02 9.67
C LEU A 252 -5.56 0.81 10.72
N TYR A 253 -6.21 1.93 10.36
CA TYR A 253 -6.97 2.71 11.33
C TYR A 253 -8.47 2.37 11.18
N GLY A 254 -8.76 1.38 10.36
CA GLY A 254 -10.14 0.89 10.20
C GLY A 254 -11.13 1.89 9.61
N ILE A 255 -10.63 2.74 8.72
CA ILE A 255 -11.47 3.78 8.13
C ILE A 255 -11.58 3.68 6.57
N ALA A 256 -11.31 2.50 6.04
CA ALA A 256 -11.42 2.25 4.60
C ALA A 256 -12.91 2.36 4.24
N ILE A 257 -13.19 2.86 3.06
CA ILE A 257 -14.56 2.97 2.60
C ILE A 257 -14.86 1.72 1.82
N ASN A 258 -15.94 1.02 2.19
CA ASN A 258 -16.31 -0.22 1.46
C ASN A 258 -16.20 0.00 -0.08
N PRO A 259 -15.58 -0.96 -0.81
CA PRO A 259 -15.50 -0.76 -2.26
C PRO A 259 -16.83 -0.71 -3.00
N ASN A 260 -17.89 -1.15 -2.35
CA ASN A 260 -19.22 -1.06 -2.97
C ASN A 260 -19.76 0.37 -3.05
N ARG A 261 -19.09 1.33 -2.37
CA ARG A 261 -19.47 2.74 -2.49
C ARG A 261 -18.72 3.27 -3.69
N VAL A 262 -19.45 3.57 -4.76
CA VAL A 262 -18.78 3.92 -6.04
C VAL A 262 -19.27 5.25 -6.66
N PHE A 263 -18.44 5.85 -7.50
CA PHE A 263 -18.83 6.90 -8.42
C PHE A 263 -19.08 6.23 -9.80
N LYS A 264 -20.33 6.36 -10.28
CA LYS A 264 -20.70 5.93 -11.63
C LYS A 264 -20.17 7.02 -12.60
N VAL A 265 -18.99 6.77 -13.18
CA VAL A 265 -18.24 7.90 -13.77
C VAL A 265 -18.97 8.50 -14.95
N ASN A 266 -19.29 9.78 -14.82
CA ASN A 266 -19.94 10.56 -15.89
C ASN A 266 -19.17 11.81 -16.27
N THR A 267 -17.87 11.82 -16.02
CA THR A 267 -17.05 13.01 -16.27
C THR A 267 -16.01 12.69 -17.33
N ASN A 268 -16.05 11.46 -17.80
CA ASN A 268 -15.21 11.01 -18.90
C ASN A 268 -16.16 10.19 -19.74
N ALA A 269 -16.27 10.57 -21.02
CA ALA A 269 -17.20 9.92 -21.97
C ALA A 269 -16.94 8.47 -22.13
N TYR A 270 -15.65 8.08 -22.12
CA TYR A 270 -15.32 6.70 -22.41
C TYR A 270 -15.62 5.77 -21.21
N TYR A 271 -15.41 6.26 -19.99
CA TYR A 271 -15.79 5.45 -18.81
C TYR A 271 -17.29 5.28 -18.88
N GLU A 272 -17.98 6.40 -19.06
CA GLU A 272 -19.44 6.43 -19.04
C GLU A 272 -20.14 5.52 -20.03
N MET A 273 -19.72 5.55 -21.29
CA MET A 273 -20.36 4.72 -22.33
C MET A 273 -20.19 3.26 -22.03
N SER A 274 -19.28 2.94 -21.11
CA SER A 274 -19.04 1.54 -20.76
C SER A 274 -19.60 1.24 -19.39
N GLY A 275 -20.18 2.26 -18.77
CA GLY A 275 -20.76 2.06 -17.44
C GLY A 275 -19.71 1.78 -16.37
N LEU A 276 -18.49 2.30 -16.55
CA LEU A 276 -17.42 2.06 -15.58
C LEU A 276 -17.63 2.80 -14.24
N GLU A 277 -17.35 2.10 -13.15
CA GLU A 277 -17.50 2.62 -11.79
C GLU A 277 -16.16 2.66 -11.09
N VAL A 278 -15.98 3.66 -10.23
CA VAL A 278 -14.74 3.84 -9.49
C VAL A 278 -15.07 4.02 -8.02
N SER A 279 -14.41 3.24 -7.16
CA SER A 279 -14.73 3.30 -5.73
C SER A 279 -14.31 4.61 -5.11
N PHE A 280 -15.12 5.12 -4.18
CA PHE A 280 -14.80 6.34 -3.43
C PHE A 280 -13.41 6.19 -2.75
N GLU A 281 -13.09 4.98 -2.26
CA GLU A 281 -11.79 4.71 -1.62
C GLU A 281 -10.64 5.02 -2.52
N GLU A 282 -10.77 4.69 -3.80
CA GLU A 282 -9.71 5.05 -4.79
C GLU A 282 -9.64 6.55 -5.07
N LEU A 283 -10.79 7.23 -5.16
CA LEU A 283 -10.79 8.67 -5.39
C LEU A 283 -10.22 9.45 -4.24
N ARG A 284 -10.53 9.00 -3.03
CA ARG A 284 -10.03 9.60 -1.83
C ARG A 284 -8.51 9.45 -1.83
N THR A 285 -8.08 8.26 -2.23
CA THR A 285 -6.63 7.94 -2.16
C THR A 285 -5.85 8.79 -3.18
N PHE A 286 -6.38 8.93 -4.39
CA PHE A 286 -5.77 9.89 -5.35
C PHE A 286 -5.73 11.35 -4.85
N GLY A 287 -6.86 11.82 -4.34
CA GLY A 287 -6.89 13.17 -3.82
C GLY A 287 -7.16 14.18 -4.94
N GLY A 288 -6.61 15.36 -4.79
CA GLY A 288 -6.71 16.42 -5.80
C GLY A 288 -8.16 16.73 -6.15
N HIS A 289 -8.40 16.88 -7.45
CA HIS A 289 -9.75 17.14 -7.96
C HIS A 289 -10.64 15.91 -7.91
N ASP A 290 -10.04 14.71 -7.86
CA ASP A 290 -10.84 13.44 -7.84
C ASP A 290 -11.64 13.31 -6.58
N ALA A 291 -11.09 13.76 -5.47
CA ALA A 291 -11.79 13.52 -4.18
C ALA A 291 -13.11 14.31 -4.05
N LYS A 292 -13.24 15.37 -4.85
CA LYS A 292 -14.47 16.14 -4.94
C LYS A 292 -15.64 15.38 -5.58
N PHE A 293 -15.33 14.27 -6.25
CA PHE A 293 -16.41 13.45 -6.87
C PHE A 293 -17.04 12.53 -5.85
N ILE A 294 -16.65 12.71 -4.59
CA ILE A 294 -17.26 11.93 -3.54
C ILE A 294 -18.37 12.81 -3.00
N ASP A 295 -19.61 12.33 -3.23
CA ASP A 295 -20.81 12.98 -2.74
C ASP A 295 -20.58 13.50 -1.33
N SER A 296 -20.69 14.82 -1.17
CA SER A 296 -20.52 15.45 0.12
C SER A 296 -21.41 14.85 1.27
N LEU A 297 -22.65 14.48 0.94
N LEU A 297 -22.65 14.48 0.93
CA LEU A 297 -23.56 13.88 1.91
CA LEU A 297 -23.59 13.87 1.90
C LEU A 297 -23.00 12.57 2.44
C LEU A 297 -23.06 12.55 2.43
N GLN A 298 -22.54 11.73 1.52
CA GLN A 298 -21.99 10.44 1.87
C GLN A 298 -20.66 10.62 2.62
N GLU A 299 -19.92 11.68 2.31
CA GLU A 299 -18.68 11.95 3.05
C GLU A 299 -18.97 12.27 4.51
N ASN A 300 -20.02 13.06 4.76
CA ASN A 300 -20.39 13.36 6.15
C ASN A 300 -20.90 12.13 6.88
N GLU A 301 -21.55 11.21 6.17
N GLU A 301 -21.57 11.24 6.15
CA GLU A 301 -22.07 10.02 6.80
CA GLU A 301 -22.06 10.01 6.70
C GLU A 301 -20.94 9.01 7.15
C GLU A 301 -20.90 9.13 7.19
N PHE A 302 -19.91 8.92 6.31
CA PHE A 302 -18.73 8.07 6.57
C PHE A 302 -18.02 8.57 7.82
N ARG A 303 -17.81 9.88 7.89
CA ARG A 303 -17.05 10.46 8.96
C ARG A 303 -17.81 10.24 10.28
N LEU A 304 -19.12 10.44 10.29
CA LEU A 304 -19.87 10.17 11.55
C LEU A 304 -19.80 8.71 11.93
N TYR A 305 -19.88 7.84 10.90
CA TYR A 305 -19.82 6.39 11.10
C TYR A 305 -18.50 6.01 11.77
N TYR A 306 -17.41 6.54 11.24
CA TYR A 306 -16.11 6.18 11.84
C TYR A 306 -15.92 6.77 13.21
N TYR A 307 -16.42 7.99 13.44
CA TYR A 307 -16.36 8.63 14.77
C TYR A 307 -17.05 7.68 15.76
N ASN A 308 -18.24 7.19 15.40
CA ASN A 308 -18.94 6.25 16.26
C ASN A 308 -18.17 4.95 16.49
N LYS A 309 -17.48 4.46 15.45
CA LYS A 309 -16.62 3.33 15.61
C LYS A 309 -15.52 3.62 16.62
N PHE A 310 -14.82 4.76 16.50
CA PHE A 310 -13.85 5.15 17.53
C PHE A 310 -14.43 5.26 18.98
N LYS A 311 -15.67 5.71 19.12
CA LYS A 311 -16.27 5.75 20.46
C LYS A 311 -16.46 4.36 21.02
N ASP A 312 -16.84 3.42 20.16
CA ASP A 312 -16.97 2.02 20.52
C ASP A 312 -15.63 1.51 21.01
N ILE A 313 -14.56 1.92 20.33
CA ILE A 313 -13.26 1.49 20.71
C ILE A 313 -12.88 2.07 22.11
N ALA A 314 -13.19 3.35 22.35
CA ALA A 314 -12.87 3.98 23.63
C ALA A 314 -13.63 3.27 24.78
N SER A 315 -14.91 3.00 24.57
CA SER A 315 -15.70 2.34 25.62
C SER A 315 -15.23 0.91 25.84
N THR A 316 -14.87 0.18 24.77
CA THR A 316 -14.22 -1.15 24.95
C THR A 316 -13.01 -1.05 25.85
N LEU A 317 -12.16 -0.07 25.60
CA LEU A 317 -10.96 0.07 26.40
C LEU A 317 -11.29 0.49 27.85
N ASN A 318 -12.36 1.26 28.01
CA ASN A 318 -12.82 1.64 29.35
C ASN A 318 -13.37 0.43 30.14
N LYS A 319 -14.16 -0.42 29.47
CA LYS A 319 -14.72 -1.62 30.09
C LYS A 319 -13.64 -2.66 30.34
N ALA A 320 -12.50 -2.53 29.67
CA ALA A 320 -11.42 -3.57 29.75
C ALA A 320 -11.07 -3.84 31.19
N LYS A 321 -11.14 -5.12 31.58
CA LYS A 321 -10.74 -5.54 32.92
C LYS A 321 -9.44 -6.34 32.91
N SER A 322 -9.28 -7.21 31.91
CA SER A 322 -8.08 -8.06 31.78
C SER A 322 -7.49 -8.14 30.37
N ILE A 323 -6.27 -8.64 30.29
CA ILE A 323 -5.59 -8.83 29.02
C ILE A 323 -4.99 -10.26 28.91
N VAL A 324 -5.19 -10.95 27.79
CA VAL A 324 -4.63 -12.29 27.64
C VAL A 324 -3.65 -12.42 26.48
N GLY A 325 -2.96 -13.55 26.41
CA GLY A 325 -2.06 -13.84 25.29
C GLY A 325 -0.86 -12.91 25.21
N THR A 326 -0.39 -12.45 26.37
CA THR A 326 0.70 -11.48 26.38
C THR A 326 1.19 -11.31 27.80
N THR A 327 2.46 -10.93 27.92
CA THR A 327 3.03 -10.50 29.20
C THR A 327 2.85 -8.99 29.50
N ALA A 328 2.65 -8.18 28.45
CA ALA A 328 2.51 -6.71 28.60
C ALA A 328 1.32 -6.34 29.47
N SER A 329 1.49 -5.25 30.21
CA SER A 329 0.46 -4.78 31.12
C SER A 329 -0.82 -4.47 30.38
N LEU A 330 -1.94 -4.59 31.09
CA LEU A 330 -3.21 -4.10 30.61
C LEU A 330 -3.14 -2.61 30.38
N GLN A 331 -2.21 -1.96 31.10
CA GLN A 331 -2.05 -0.52 31.02
C GLN A 331 -1.12 -0.07 29.93
N TYR A 332 -0.06 -0.82 29.68
CA TYR A 332 0.79 -0.48 28.53
C TYR A 332 0.00 -0.52 27.19
N MET A 333 -0.92 -1.47 27.08
CA MET A 333 -1.67 -1.70 25.85
C MET A 333 -2.87 -0.76 25.69
N LYS A 334 -3.58 -0.46 26.80
CA LYS A 334 -4.60 0.61 26.82
C LYS A 334 -4.02 1.93 26.28
N ASN A 335 -2.80 2.25 26.69
N ASN A 335 -2.80 2.24 26.68
CA ASN A 335 -2.17 3.49 26.26
CA ASN A 335 -2.16 3.47 26.29
C ASN A 335 -1.74 3.46 24.81
C ASN A 335 -1.63 3.47 24.86
N VAL A 336 -1.36 2.28 24.32
CA VAL A 336 -0.92 2.14 22.96
C VAL A 336 -2.07 2.58 22.05
N PHE A 337 -3.30 2.21 22.42
CA PHE A 337 -4.46 2.56 21.64
C PHE A 337 -4.99 3.96 21.90
N LYS A 338 -4.87 4.45 23.15
CA LYS A 338 -4.96 5.87 23.44
C LYS A 338 -4.11 6.72 22.49
N GLU A 339 -2.86 6.34 22.27
CA GLU A 339 -2.01 7.10 21.31
C GLU A 339 -2.42 6.88 19.85
N LYS A 340 -2.76 5.63 19.49
CA LYS A 340 -3.07 5.33 18.11
C LYS A 340 -4.26 6.21 17.67
N TYR A 341 -5.31 6.15 18.46
CA TYR A 341 -6.55 6.87 18.17
C TYR A 341 -6.65 8.30 18.72
N LEU A 342 -5.55 8.83 19.27
CA LEU A 342 -5.47 10.16 19.90
C LEU A 342 -6.64 10.39 20.89
N LEU A 343 -6.84 9.46 21.81
CA LEU A 343 -8.02 9.55 22.68
C LEU A 343 -7.71 10.51 23.82
N SER A 344 -8.77 11.07 24.37
CA SER A 344 -8.69 11.93 25.57
C SER A 344 -8.93 11.15 26.85
N GLU A 345 -8.26 11.54 27.92
CA GLU A 345 -8.42 10.82 29.20
C GLU A 345 -8.83 11.80 30.32
N ASP A 346 -9.92 11.51 31.03
CA ASP A 346 -10.38 12.41 32.10
C ASP A 346 -9.63 12.13 33.42
N THR A 347 -10.00 12.83 34.50
CA THR A 347 -9.33 12.66 35.81
C THR A 347 -9.56 11.29 36.45
N SER A 348 -10.69 10.66 36.13
CA SER A 348 -10.94 9.29 36.60
C SER A 348 -10.28 8.20 35.74
N GLY A 349 -9.50 8.60 34.72
CA GLY A 349 -8.84 7.64 33.81
C GLY A 349 -9.71 7.10 32.66
N LYS A 350 -10.90 7.67 32.50
CA LYS A 350 -11.80 7.27 31.43
C LYS A 350 -11.32 7.85 30.07
N PHE A 351 -11.33 7.00 29.03
CA PHE A 351 -11.02 7.45 27.66
C PHE A 351 -12.25 7.93 26.92
N SER A 352 -12.04 8.94 26.06
CA SER A 352 -13.13 9.45 25.22
C SER A 352 -12.57 9.98 23.89
N VAL A 353 -13.46 10.05 22.90
CA VAL A 353 -13.05 10.56 21.60
C VAL A 353 -13.33 12.05 21.52
N ASP A 354 -12.26 12.83 21.33
CA ASP A 354 -12.42 14.28 21.18
C ASP A 354 -12.71 14.62 19.68
N LYS A 355 -13.82 15.32 19.41
CA LYS A 355 -14.19 15.64 18.04
C LYS A 355 -13.12 16.44 17.28
N LEU A 356 -12.44 17.39 17.92
CA LEU A 356 -11.36 18.11 17.22
C LEU A 356 -10.20 17.16 16.86
N LYS A 357 -9.82 16.30 17.80
CA LYS A 357 -8.72 15.37 17.53
C LYS A 357 -9.15 14.31 16.51
N PHE A 358 -10.38 13.84 16.64
CA PHE A 358 -10.86 12.95 15.60
C PHE A 358 -10.77 13.59 14.20
N ASP A 359 -11.33 14.79 14.06
CA ASP A 359 -11.33 15.48 12.78
C ASP A 359 -9.89 15.63 12.23
N LYS A 360 -8.95 15.97 13.09
CA LYS A 360 -7.53 16.09 12.74
CA LYS A 360 -7.53 16.07 12.71
C LYS A 360 -6.95 14.73 12.25
N LEU A 361 -7.22 13.66 12.98
CA LEU A 361 -6.68 12.34 12.60
C LEU A 361 -7.27 11.87 11.29
N TYR A 362 -8.59 12.01 11.16
CA TYR A 362 -9.31 11.55 9.98
C TYR A 362 -8.83 12.36 8.77
N LYS A 363 -8.68 13.66 8.94
CA LYS A 363 -8.22 14.51 7.84
C LYS A 363 -6.79 14.15 7.41
N MET A 364 -5.91 13.95 8.36
CA MET A 364 -4.52 13.55 8.04
C MET A 364 -4.49 12.31 7.13
N LEU A 365 -5.16 11.24 7.56
CA LEU A 365 -5.22 10.00 6.84
C LEU A 365 -5.89 10.05 5.46
N THR A 366 -6.89 10.92 5.27
CA THR A 366 -7.72 10.88 4.09
C THR A 366 -7.51 12.08 3.13
N GLU A 367 -7.04 13.20 3.65
CA GLU A 367 -6.81 14.37 2.78
C GLU A 367 -5.34 14.78 2.69
N ILE A 368 -4.59 14.63 3.76
CA ILE A 368 -3.14 14.95 3.69
C ILE A 368 -2.36 13.85 2.96
N TYR A 369 -2.57 12.59 3.35
CA TYR A 369 -1.84 11.52 2.68
C TYR A 369 -2.58 11.15 1.36
N THR A 370 -2.17 11.77 0.23
CA THR A 370 -2.82 11.47 -1.05
C THR A 370 -1.78 11.32 -2.11
N GLU A 371 -2.14 10.61 -3.16
CA GLU A 371 -1.23 10.46 -4.29
C GLU A 371 -0.85 11.84 -4.84
N ASP A 372 -1.85 12.69 -5.04
CA ASP A 372 -1.62 14.02 -5.62
C ASP A 372 -0.64 14.85 -4.74
N ASN A 373 -0.74 14.69 -3.41
CA ASN A 373 0.22 15.35 -2.54
C ASN A 373 1.65 14.82 -2.64
N PHE A 374 1.81 13.50 -2.63
CA PHE A 374 3.16 12.88 -2.87
C PHE A 374 3.82 13.39 -4.11
N VAL A 375 3.05 13.48 -5.20
CA VAL A 375 3.61 14.04 -6.51
C VAL A 375 4.29 15.36 -6.34
N LYS A 376 3.65 16.24 -5.57
CA LYS A 376 4.28 17.55 -5.24
C LYS A 376 5.62 17.39 -4.50
N PHE A 377 5.70 16.46 -3.53
CA PHE A 377 6.93 16.27 -2.73
C PHE A 377 8.05 15.66 -3.54
N PHE A 378 7.70 14.74 -4.44
CA PHE A 378 8.70 14.08 -5.27
C PHE A 378 9.14 14.94 -6.43
N LYS A 379 8.31 15.94 -6.79
CA LYS A 379 8.52 16.78 -7.97
C LYS A 379 8.64 15.93 -9.26
N VAL A 380 7.69 15.04 -9.46
CA VAL A 380 7.67 14.20 -10.63
C VAL A 380 6.45 14.53 -11.45
N LEU A 381 6.48 14.13 -12.72
CA LEU A 381 5.30 14.10 -13.52
C LEU A 381 4.52 12.84 -13.13
N ASN A 382 3.21 12.89 -13.29
CA ASN A 382 2.41 11.75 -12.88
C ASN A 382 1.04 11.93 -13.54
N ARG A 383 0.23 10.87 -13.57
CA ARG A 383 -1.15 11.08 -14.02
C ARG A 383 -1.78 12.22 -13.21
N LYS A 384 -2.64 13.03 -13.86
CA LYS A 384 -3.28 14.15 -13.22
C LYS A 384 -4.61 13.73 -12.55
N THR A 385 -5.13 12.60 -12.98
CA THR A 385 -6.36 12.06 -12.44
C THR A 385 -6.27 10.55 -12.28
N TYR A 386 -7.03 9.98 -11.34
CA TYR A 386 -7.21 8.51 -11.33
C TYR A 386 -8.04 8.03 -12.55
N LEU A 387 -8.92 8.89 -13.09
CA LEU A 387 -9.84 8.46 -14.18
C LEU A 387 -9.17 8.58 -15.54
N ASN A 388 -8.17 7.75 -15.78
CA ASN A 388 -7.45 7.80 -17.07
C ASN A 388 -7.39 6.44 -17.68
N PHE A 389 -6.65 6.31 -18.78
CA PHE A 389 -6.41 4.99 -19.37
C PHE A 389 -4.92 4.75 -19.49
N ASP A 390 -4.45 3.62 -18.94
CA ASP A 390 -3.03 3.26 -19.04
C ASP A 390 -2.59 3.02 -20.45
N LYS A 391 -1.31 3.29 -20.70
CA LYS A 391 -0.83 3.25 -22.05
C LYS A 391 0.09 2.05 -22.25
N ALA A 392 0.97 1.81 -21.29
CA ALA A 392 2.01 0.81 -21.42
C ALA A 392 2.63 0.38 -20.09
N VAL A 393 3.34 -0.75 -20.11
CA VAL A 393 4.06 -1.24 -18.94
C VAL A 393 5.46 -1.47 -19.40
N PHE A 394 6.41 -1.05 -18.56
CA PHE A 394 7.82 -1.16 -18.84
C PHE A 394 8.48 -2.01 -17.75
N LYS A 395 9.63 -2.61 -18.08
CA LYS A 395 10.49 -3.22 -17.13
C LYS A 395 11.55 -2.20 -16.74
N ILE A 396 11.85 -2.07 -15.45
CA ILE A 396 12.83 -1.08 -15.00
C ILE A 396 13.80 -1.73 -14.02
N ASN A 397 14.90 -1.00 -13.72
CA ASN A 397 15.76 -1.41 -12.64
C ASN A 397 16.29 -0.22 -11.88
N ILE A 398 15.67 0.07 -10.72
CA ILE A 398 16.00 1.27 -9.91
C ILE A 398 17.15 1.06 -8.90
N VAL A 399 17.71 -0.12 -8.90
CA VAL A 399 18.68 -0.45 -7.87
C VAL A 399 20.02 0.26 -8.07
N PRO A 400 20.55 0.26 -9.28
CA PRO A 400 21.83 0.99 -9.42
C PRO A 400 21.63 2.52 -9.25
N LYS A 401 22.49 3.15 -8.46
CA LYS A 401 22.47 4.58 -8.27
C LYS A 401 22.59 5.36 -9.56
N VAL A 402 23.24 4.78 -10.56
CA VAL A 402 23.34 5.50 -11.83
C VAL A 402 21.99 5.53 -12.59
N ASN A 403 21.00 4.75 -12.12
CA ASN A 403 19.68 4.62 -12.78
C ASN A 403 18.60 5.46 -12.02
N TYR A 404 18.70 5.53 -10.71
CA TYR A 404 17.64 6.02 -9.85
C TYR A 404 18.18 6.21 -8.45
N THR A 405 17.87 7.33 -7.80
CA THR A 405 18.34 7.62 -6.44
C THR A 405 17.21 7.93 -5.49
N ILE A 406 17.50 7.82 -4.22
CA ILE A 406 16.57 8.20 -3.13
C ILE A 406 16.06 9.63 -3.26
N TYR A 407 16.96 10.58 -3.58
CA TYR A 407 16.57 11.96 -3.60
C TYR A 407 15.89 12.44 -4.89
N ASP A 408 16.26 11.88 -6.03
CA ASP A 408 15.85 12.39 -7.33
C ASP A 408 15.03 11.43 -8.21
N GLY A 409 14.84 10.19 -7.74
CA GLY A 409 14.24 9.14 -8.58
C GLY A 409 15.02 8.97 -9.90
N PHE A 410 14.31 9.01 -11.04
CA PHE A 410 14.94 8.87 -12.35
C PHE A 410 15.65 10.18 -12.82
N ASN A 411 15.31 11.31 -12.20
CA ASN A 411 15.60 12.63 -12.80
C ASN A 411 16.89 13.10 -12.16
N LEU A 412 17.95 12.35 -12.37
CA LEU A 412 19.20 12.56 -11.59
C LEU A 412 19.80 13.96 -11.75
N ARG A 413 20.12 14.58 -10.62
CA ARG A 413 20.72 15.91 -10.62
C ARG A 413 22.08 15.83 -11.30
N ASN A 414 22.50 16.95 -11.88
CA ASN A 414 23.82 17.05 -12.50
C ASN A 414 24.00 16.10 -13.65
N THR A 415 22.89 15.81 -14.34
CA THR A 415 22.91 15.03 -15.58
C THR A 415 21.92 15.69 -16.53
N ASN A 416 21.91 15.27 -17.80
N ASN A 416 21.92 15.21 -17.79
CA ASN A 416 20.85 15.75 -18.70
CA ASN A 416 20.91 15.57 -18.78
C ASN A 416 19.48 15.12 -18.46
C ASN A 416 19.47 15.27 -18.34
N LEU A 417 19.34 14.40 -17.34
CA LEU A 417 18.02 13.91 -16.88
C LEU A 417 17.42 14.75 -15.77
N ALA A 418 18.17 15.77 -15.33
CA ALA A 418 17.73 16.58 -14.17
C ALA A 418 16.54 17.47 -14.43
N ALA A 419 16.46 18.06 -15.63
CA ALA A 419 15.43 19.05 -15.92
C ALA A 419 14.30 18.46 -16.77
N ASN A 420 13.13 19.09 -16.73
CA ASN A 420 11.98 18.78 -17.58
C ASN A 420 11.50 17.36 -17.44
N PHE A 421 11.81 16.74 -16.31
CA PHE A 421 11.45 15.31 -16.08
C PHE A 421 12.04 14.41 -17.17
N ASN A 422 13.20 14.81 -17.70
CA ASN A 422 13.86 14.02 -18.70
C ASN A 422 14.13 12.55 -18.30
N GLY A 423 14.41 12.31 -17.01
CA GLY A 423 14.69 10.92 -16.55
C GLY A 423 13.43 10.07 -16.58
N GLN A 424 12.27 10.71 -16.51
CA GLN A 424 10.96 9.94 -16.65
C GLN A 424 10.52 9.84 -18.08
N ASN A 425 11.22 10.59 -18.96
CA ASN A 425 10.91 10.61 -20.37
C ASN A 425 11.55 9.37 -20.99
N THR A 426 10.73 8.36 -21.34
CA THR A 426 11.27 7.07 -21.76
C THR A 426 11.83 7.13 -23.19
N GLU A 427 11.61 8.24 -23.89
CA GLU A 427 12.24 8.48 -25.19
C GLU A 427 13.68 8.95 -24.97
N ILE A 428 13.88 9.98 -24.12
CA ILE A 428 15.27 10.42 -23.77
C ILE A 428 16.04 9.41 -22.93
N ASN A 429 15.39 8.89 -21.88
CA ASN A 429 16.06 7.98 -20.96
C ASN A 429 15.73 6.55 -21.32
N ASN A 430 15.88 6.21 -22.61
CA ASN A 430 15.47 4.90 -23.12
C ASN A 430 16.20 3.70 -22.51
N MET A 431 17.47 3.86 -22.16
N MET A 431 17.47 3.85 -22.16
CA MET A 431 18.22 2.76 -21.61
CA MET A 431 18.21 2.74 -21.61
C MET A 431 17.70 2.35 -20.24
C MET A 431 17.65 2.31 -20.26
N ASN A 432 16.77 3.14 -19.70
CA ASN A 432 16.16 2.81 -18.42
C ASN A 432 14.82 2.16 -18.46
N PHE A 433 14.30 1.95 -19.67
CA PHE A 433 12.95 1.36 -19.84
C PHE A 433 12.93 0.33 -20.97
N THR A 434 12.36 -0.84 -20.69
CA THR A 434 12.07 -1.82 -21.67
C THR A 434 10.57 -1.99 -21.77
N LYS A 435 9.97 -1.57 -22.90
CA LYS A 435 8.48 -1.71 -23.02
C LYS A 435 8.06 -3.14 -23.20
N LEU A 436 7.07 -3.57 -22.43
CA LEU A 436 6.67 -4.95 -22.40
C LEU A 436 5.39 -5.16 -23.14
N LYS A 437 4.47 -4.22 -23.02
CA LYS A 437 3.19 -4.39 -23.67
C LYS A 437 2.50 -3.00 -23.79
N ASN A 438 1.84 -2.76 -24.91
N ASN A 438 1.81 -2.78 -24.90
CA ASN A 438 1.00 -1.56 -25.11
CA ASN A 438 1.01 -1.58 -25.17
C ASN A 438 -0.46 -1.86 -24.85
C ASN A 438 -0.47 -1.85 -24.90
N PHE A 439 -1.15 -0.92 -24.25
CA PHE A 439 -2.59 -1.13 -23.92
C PHE A 439 -3.49 -0.30 -24.81
N THR A 440 -2.93 0.78 -25.37
CA THR A 440 -3.74 1.72 -26.16
C THR A 440 -4.43 1.03 -27.38
N GLY A 441 -5.72 1.31 -27.53
CA GLY A 441 -6.50 0.77 -28.64
C GLY A 441 -7.08 -0.60 -28.36
N LEU A 442 -6.73 -1.20 -27.23
CA LEU A 442 -7.18 -2.57 -26.99
C LEU A 442 -8.35 -2.63 -26.03
N PHE A 443 -8.64 -1.51 -25.36
CA PHE A 443 -9.47 -1.51 -24.15
C PHE A 443 -10.79 -2.27 -24.28
N GLU A 444 -11.68 -1.79 -25.14
CA GLU A 444 -12.88 -2.54 -25.53
C GLU A 444 -13.73 -1.68 -26.46
N PHE A 445 -13.28 -0.44 -26.67
CA PHE A 445 -13.90 0.52 -27.60
C PHE A 445 -13.32 0.32 -29.02
CA MPT B 1 -5.42 -4.34 -4.92
C MPT B 1 -5.36 -3.32 -6.03
O MPT B 1 -4.63 -3.48 -7.01
CB MPT B 1 -4.71 -5.64 -5.31
SG MPT B 1 -5.55 -7.02 -4.33
N DPP B 2 -4.99 0.31 -5.20
CA DPP B 2 -4.84 -0.32 -6.55
C DPP B 2 -4.81 0.71 -7.66
O DPP B 2 -5.30 1.83 -7.54
CB DPP B 2 -6.09 -1.14 -6.79
NG DPP B 2 -6.15 -2.26 -5.87
N DAR B 3 -4.14 0.33 -8.71
CA DAR B 3 -3.94 1.04 -9.97
CB DAR B 3 -2.79 2.00 -9.94
CG DAR B 3 -2.26 2.00 -11.36
CD DAR B 3 -0.72 1.99 -11.41
NE DAR B 3 -0.20 3.28 -11.93
CZ DAR B 3 -0.27 3.80 -13.18
NH1 DAR B 3 0.26 4.92 -13.42
NH2 DAR B 3 -0.90 3.13 -14.17
C DAR B 3 -5.17 1.60 -10.63
O DAR B 3 -5.29 2.79 -10.85
N GLY B 4 -6.11 0.71 -11.01
CA GLY B 4 -7.32 1.07 -11.74
C GLY B 4 -6.94 1.04 -13.26
N DPN B 5 -7.87 1.52 -14.09
CA DPN B 5 -7.81 1.64 -15.58
C DPN B 5 -6.69 2.43 -16.17
O DPN B 5 -6.23 2.13 -17.27
CB DPN B 5 -8.11 0.29 -16.25
CG DPN B 5 -9.58 0.33 -15.89
CD1 DPN B 5 -10.31 1.50 -16.18
CD2 DPN B 5 -10.18 -0.69 -15.17
CE1 DPN B 5 -11.63 1.59 -15.78
CE2 DPN B 5 -11.52 -0.59 -14.78
CZ DPN B 5 -12.25 0.54 -15.09
N NH2 B 6 -6.31 3.48 -15.42
ZN ZN C . -5.65 2.25 -5.22
S SO4 D . 15.76 -2.74 -17.77
O1 SO4 D . 16.95 -2.09 -17.25
O2 SO4 D . 16.09 -3.88 -18.64
O3 SO4 D . 14.98 -3.28 -16.65
O4 SO4 D . 15.00 -1.73 -18.51
C1 GOL E . 14.36 17.93 -23.94
O1 GOL E . 13.33 17.98 -24.90
C2 GOL E . 14.01 18.97 -22.88
O2 GOL E . 12.63 18.82 -22.64
C3 GOL E . 14.80 18.74 -21.57
O3 GOL E . 15.93 19.59 -21.30
C1 GOL F . 7.22 -2.83 -28.36
O1 GOL F . 7.76 -1.51 -28.21
C2 GOL F . 6.01 -2.99 -27.43
O2 GOL F . 4.82 -2.80 -28.18
C3 GOL F . 6.00 -4.39 -26.82
O3 GOL F . 5.07 -5.21 -27.50
C1 PEG G . 18.66 -3.41 0.90
O1 PEG G . 18.00 -3.18 2.18
C2 PEG G . 19.67 -2.26 0.70
O2 PEG G . 21.00 -2.82 0.58
C3 PEG G . 21.97 -1.81 0.26
C4 PEG G . 23.31 -2.45 -0.10
O4 PEG G . 24.27 -1.40 -0.24
C1 PGO H . -16.49 13.92 12.69
C2 PGO H . -17.41 13.65 13.83
C3 PGO H . -18.82 13.55 13.30
O1 PGO H . -16.59 15.31 12.38
O2 PGO H . -17.26 14.74 14.77
C1 GOL I . 21.30 4.66 -18.68
O1 GOL I . 22.17 5.09 -19.71
C2 GOL I . 21.79 3.33 -18.13
O2 GOL I . 22.48 3.56 -16.91
C3 GOL I . 20.55 2.47 -17.89
O3 GOL I . 20.96 1.20 -17.38
C1 PGO J . -18.39 1.40 6.35
C2 PGO J . -17.74 2.46 5.47
C3 PGO J . -18.35 3.82 5.79
O1 PGO J . -19.72 1.16 5.87
O2 PGO J . -18.05 2.13 4.13
C1 EDO K . 17.13 -21.96 12.05
O1 EDO K . 16.09 -22.89 12.39
C2 EDO K . 16.52 -20.58 11.88
O2 EDO K . 15.57 -20.67 10.82
C1 EDO L . 3.98 -2.57 -9.95
O1 EDO L . 2.90 -3.04 -10.81
C2 EDO L . 3.71 -3.01 -8.50
O2 EDO L . 3.11 -4.33 -8.58
C1 EDO M . 12.14 13.58 -27.38
O1 EDO M . 11.16 12.51 -27.26
C2 EDO M . 11.95 14.62 -26.27
O2 EDO M . 10.64 14.50 -25.65
#